data_5TFL
#
_entry.id   5TFL
#
_cell.length_a   185.809
_cell.length_b   185.809
_cell.length_c   185.809
_cell.angle_alpha   90.00
_cell.angle_beta   90.00
_cell.angle_gamma   90.00
#
_symmetry.space_group_name_H-M   'P 41 3 2'
#
loop_
_entity.id
_entity.type
_entity.pdbx_description
1 polymer Cadherin-23
2 non-polymer 'SODIUM ION'
3 non-polymer 'CALCIUM ION'
4 water water
#
_entity_poly.entity_id   1
_entity_poly.type   'polypeptide(L)'
_entity_poly.pdbx_seq_one_letter_code
;MDNPPTFSKPAYFVSVLENIMAGATVLFLNATDLDRSREYGQESIIYSLEGSSQFRINARSGEITTTSLLDRETKSEYIL
IVRAVDGGVGHNQKTGIATVNVTLLDINDNHPTWKDAPYYINLVEMTPPDSDVTTVVAVDPDLGENGTLVYSIHPPNKFY
SLNSTTGKIRTTHVMLDRENPDPVEAELMRKIIVSVTDCGRPPLKATSSATVFVNLLDLNDNLEHHHHHH
;
_entity_poly.pdbx_strand_id   A,B
#
# COMPACT_ATOMS: atom_id res chain seq x y z
N PRO A 4 32.73 -20.81 -35.88
CA PRO A 4 32.50 -21.31 -34.52
C PRO A 4 31.35 -20.56 -33.77
N PRO A 5 30.06 -20.88 -34.11
CA PRO A 5 28.92 -19.92 -34.17
C PRO A 5 28.51 -19.37 -32.84
N THR A 6 28.49 -18.03 -32.71
CA THR A 6 28.29 -17.40 -31.40
C THR A 6 27.30 -16.25 -31.44
N PHE A 7 26.77 -15.94 -30.25
CA PHE A 7 25.59 -15.13 -30.09
C PHE A 7 25.95 -13.67 -30.10
N SER A 8 24.95 -12.83 -30.27
CA SER A 8 25.13 -11.38 -30.19
C SER A 8 25.72 -10.98 -28.85
N LYS A 9 25.25 -11.62 -27.78
CA LYS A 9 25.78 -11.39 -26.44
C LYS A 9 26.06 -12.72 -25.74
N PRO A 10 27.03 -12.73 -24.81
CA PRO A 10 27.36 -13.97 -24.09
C PRO A 10 26.29 -14.30 -23.05
N ALA A 11 25.75 -13.24 -22.44
CA ALA A 11 24.80 -13.32 -21.36
C ALA A 11 23.63 -12.37 -21.66
N TYR A 12 22.45 -12.91 -21.36
CA TYR A 12 21.15 -12.33 -21.65
C TYR A 12 20.31 -12.29 -20.38
N PHE A 13 19.67 -11.13 -20.21
CA PHE A 13 18.86 -10.82 -19.03
C PHE A 13 17.42 -10.40 -19.45
N VAL A 14 16.45 -11.09 -18.89
CA VAL A 14 15.08 -10.94 -19.29
C VAL A 14 14.19 -11.03 -18.04
N SER A 15 13.13 -10.24 -18.13
CA SER A 15 12.09 -10.13 -17.08
C SER A 15 10.71 -10.36 -17.65
N VAL A 16 10.00 -11.31 -17.05
CA VAL A 16 8.61 -11.62 -17.37
C VAL A 16 7.77 -11.60 -16.09
N LEU A 17 6.47 -11.82 -16.19
CA LEU A 17 5.62 -11.73 -15.01
C LEU A 17 5.08 -13.09 -14.60
N GLU A 18 5.19 -13.41 -13.32
CA GLU A 18 4.80 -14.73 -12.84
C GLU A 18 3.48 -15.36 -13.47
N ASN A 19 2.57 -14.52 -14.00
CA ASN A 19 1.34 -15.00 -14.66
C ASN A 19 1.46 -15.18 -16.19
N ILE A 20 2.65 -14.99 -16.74
CA ILE A 20 2.89 -15.27 -18.16
C ILE A 20 2.29 -16.61 -18.50
N MET A 21 1.58 -16.66 -19.61
CA MET A 21 0.82 -17.86 -19.92
C MET A 21 1.71 -19.05 -20.24
N ALA A 22 1.09 -20.22 -20.25
CA ALA A 22 1.70 -21.39 -20.83
C ALA A 22 1.93 -21.10 -22.30
N GLY A 23 3.13 -21.39 -22.78
CA GLY A 23 3.42 -21.31 -24.20
C GLY A 23 3.97 -19.98 -24.66
N ALA A 24 3.89 -18.96 -23.82
CA ALA A 24 4.16 -17.59 -24.28
C ALA A 24 5.62 -17.40 -24.60
N THR A 25 5.91 -16.46 -25.51
CA THR A 25 7.30 -16.11 -25.82
C THR A 25 7.96 -15.45 -24.61
N VAL A 26 9.15 -15.93 -24.26
CA VAL A 26 10.01 -15.25 -23.30
C VAL A 26 11.07 -14.38 -24.07
N LEU A 27 11.74 -14.97 -25.03
CA LEU A 27 12.87 -14.34 -25.59
C LEU A 27 13.14 -14.93 -26.94
N PHE A 28 13.84 -14.11 -27.74
CA PHE A 28 14.33 -14.48 -29.08
C PHE A 28 15.85 -14.31 -29.15
N LEU A 29 16.50 -15.39 -29.61
CA LEU A 29 17.93 -15.53 -29.68
C LEU A 29 18.36 -15.92 -31.10
N ASN A 30 19.36 -15.22 -31.59
CA ASN A 30 20.00 -15.57 -32.87
C ASN A 30 21.50 -15.54 -32.73
N ALA A 31 22.14 -16.66 -33.12
CA ALA A 31 23.59 -16.76 -33.25
C ALA A 31 24.07 -17.06 -34.69
N THR A 32 25.23 -16.50 -35.04
CA THR A 32 25.78 -16.71 -36.36
C THR A 32 27.29 -16.88 -36.26
N ASP A 33 27.92 -16.88 -37.43
CA ASP A 33 29.39 -16.94 -37.57
C ASP A 33 29.92 -15.74 -38.37
N SER A 44 21.17 -23.99 -41.49
CA SER A 44 22.41 -23.69 -40.83
C SER A 44 22.40 -24.24 -39.38
N ILE A 45 21.62 -23.60 -38.51
CA ILE A 45 21.95 -23.47 -37.08
C ILE A 45 20.78 -23.94 -36.23
N ILE A 46 21.13 -24.80 -35.27
CA ILE A 46 20.19 -25.65 -34.52
C ILE A 46 20.39 -25.43 -33.02
N TYR A 47 19.26 -25.16 -32.35
CA TYR A 47 19.24 -24.56 -31.01
C TYR A 47 18.68 -25.53 -29.91
N SER A 48 19.26 -25.46 -28.74
CA SER A 48 18.89 -26.34 -27.68
C SER A 48 19.11 -25.66 -26.35
N LEU A 49 18.18 -25.93 -25.44
CA LEU A 49 18.05 -25.22 -24.16
C LEU A 49 17.99 -26.20 -23.00
N GLU A 50 18.85 -25.94 -22.02
CA GLU A 50 19.03 -26.74 -20.83
C GLU A 50 18.94 -25.83 -19.59
N GLY A 51 18.20 -26.28 -18.60
CA GLY A 51 18.34 -25.71 -17.24
C GLY A 51 17.04 -25.60 -16.51
N SER A 52 15.93 -25.57 -17.24
CA SER A 52 14.67 -25.86 -16.64
C SER A 52 13.72 -26.48 -17.62
N SER A 53 12.93 -27.43 -17.16
CA SER A 53 11.86 -28.01 -17.94
C SER A 53 10.66 -27.08 -18.07
N GLN A 54 10.72 -25.96 -17.36
CA GLN A 54 9.68 -24.93 -17.43
C GLN A 54 9.78 -24.13 -18.74
N PHE A 55 10.91 -24.28 -19.44
CA PHE A 55 11.20 -23.57 -20.64
C PHE A 55 11.71 -24.52 -21.71
N ARG A 56 11.35 -24.18 -22.93
CA ARG A 56 11.80 -24.87 -24.14
C ARG A 56 12.20 -23.81 -25.15
N ILE A 57 13.12 -24.18 -26.00
CA ILE A 57 13.53 -23.34 -27.15
C ILE A 57 13.27 -24.06 -28.47
N ASN A 58 12.60 -23.33 -29.35
CA ASN A 58 12.36 -23.74 -30.73
C ASN A 58 13.71 -23.93 -31.46
N ALA A 59 13.88 -25.10 -32.06
CA ALA A 59 15.20 -25.56 -32.50
C ALA A 59 15.69 -24.85 -33.77
N ARG A 60 14.78 -24.43 -34.63
CA ARG A 60 15.14 -23.70 -35.84
C ARG A 60 15.25 -22.20 -35.60
N SER A 61 14.28 -21.63 -34.86
CA SER A 61 14.11 -20.17 -34.79
C SER A 61 14.72 -19.48 -33.57
N GLY A 62 15.06 -20.24 -32.53
CA GLY A 62 15.70 -19.67 -31.33
C GLY A 62 14.73 -18.90 -30.43
N GLU A 63 13.45 -19.24 -30.53
CA GLU A 63 12.42 -18.66 -29.69
C GLU A 63 12.28 -19.47 -28.41
N ILE A 64 12.59 -18.84 -27.29
CA ILE A 64 12.34 -19.43 -25.97
C ILE A 64 10.89 -19.19 -25.57
N THR A 65 10.23 -20.25 -25.11
CA THR A 65 8.84 -20.15 -24.63
C THR A 65 8.70 -20.88 -23.29
N THR A 66 7.69 -20.52 -22.51
CA THR A 66 7.35 -21.30 -21.32
C THR A 66 6.67 -22.58 -21.76
N THR A 67 6.85 -23.66 -21.00
CA THR A 67 6.10 -24.90 -21.21
C THR A 67 4.96 -25.04 -20.23
N SER A 68 4.84 -24.07 -19.32
CA SER A 68 3.96 -24.21 -18.18
C SER A 68 3.74 -22.85 -17.50
N LEU A 69 2.88 -22.87 -16.48
CA LEU A 69 2.64 -21.67 -15.69
C LEU A 69 3.69 -21.61 -14.60
N LEU A 70 4.12 -20.39 -14.31
CA LEU A 70 5.17 -20.16 -13.37
C LEU A 70 4.58 -19.55 -12.10
N ASP A 71 5.43 -19.38 -11.10
CA ASP A 71 5.01 -18.84 -9.83
C ASP A 71 6.23 -18.34 -9.11
N ARG A 72 6.24 -17.04 -8.83
CA ARG A 72 7.41 -16.40 -8.28
C ARG A 72 7.58 -16.83 -6.82
N GLU A 73 6.48 -17.18 -6.17
CA GLU A 73 6.54 -17.61 -4.78
C GLU A 73 7.22 -18.96 -4.64
N THR A 74 7.16 -19.78 -5.69
CA THR A 74 7.93 -21.03 -5.74
C THR A 74 9.33 -20.82 -6.30
N LYS A 75 9.44 -20.17 -7.46
CA LYS A 75 10.75 -19.92 -8.08
C LYS A 75 10.76 -18.62 -8.85
N SER A 76 11.58 -17.67 -8.38
CA SER A 76 11.60 -16.31 -8.91
C SER A 76 12.59 -16.07 -10.04
N GLU A 77 13.72 -16.78 -10.00
CA GLU A 77 14.75 -16.64 -11.00
C GLU A 77 15.20 -18.00 -11.52
N TYR A 78 15.25 -18.05 -12.87
CA TYR A 78 15.84 -19.13 -13.66
C TYR A 78 17.09 -18.69 -14.45
N ILE A 79 17.98 -19.66 -14.63
CA ILE A 79 19.11 -19.56 -15.56
C ILE A 79 19.07 -20.74 -16.56
N LEU A 80 19.00 -20.39 -17.86
CA LEU A 80 18.89 -21.31 -18.93
C LEU A 80 20.18 -21.17 -19.69
N ILE A 81 20.56 -22.28 -20.33
CA ILE A 81 21.78 -22.35 -21.16
C ILE A 81 21.39 -22.87 -22.57
N VAL A 82 21.84 -22.08 -23.55
CA VAL A 82 21.40 -22.13 -24.93
C VAL A 82 22.62 -22.33 -25.86
N ARG A 83 22.42 -23.29 -26.77
CA ARG A 83 23.48 -23.91 -27.56
C ARG A 83 23.09 -23.89 -29.05
N ALA A 84 24.08 -23.46 -29.84
CA ALA A 84 23.95 -23.26 -31.27
C ALA A 84 25.07 -24.02 -32.00
N VAL A 85 24.67 -24.84 -32.97
CA VAL A 85 25.52 -25.85 -33.54
C VAL A 85 25.15 -25.93 -35.01
N ASP A 86 26.13 -26.17 -35.86
CA ASP A 86 25.88 -26.49 -37.28
C ASP A 86 26.51 -27.82 -37.70
N ASN A 92 32.39 -31.24 -38.97
CA ASN A 92 33.24 -30.24 -38.34
C ASN A 92 32.42 -29.17 -37.63
N GLN A 93 31.35 -29.60 -36.96
CA GLN A 93 30.47 -28.69 -36.23
C GLN A 93 31.10 -28.09 -34.96
N LYS A 94 30.63 -26.90 -34.62
CA LYS A 94 31.13 -26.12 -33.50
C LYS A 94 29.98 -25.63 -32.62
N THR A 95 30.11 -25.87 -31.33
CA THR A 95 29.13 -25.41 -30.34
C THR A 95 29.37 -23.93 -29.89
N GLY A 96 28.29 -23.26 -29.56
CA GLY A 96 28.32 -21.94 -29.00
C GLY A 96 27.31 -21.82 -27.88
N ILE A 97 27.68 -21.11 -26.82
CA ILE A 97 26.95 -21.15 -25.55
C ILE A 97 26.64 -19.74 -25.06
N ALA A 98 25.41 -19.53 -24.68
CA ALA A 98 24.97 -18.31 -24.01
C ALA A 98 24.06 -18.66 -22.84
N THR A 99 24.25 -17.97 -21.75
CA THR A 99 23.23 -17.96 -20.66
C THR A 99 22.11 -16.98 -20.91
N VAL A 100 20.93 -17.39 -20.43
CA VAL A 100 19.70 -16.57 -20.38
C VAL A 100 19.17 -16.55 -18.96
N ASN A 101 18.95 -15.34 -18.43
CA ASN A 101 18.80 -15.09 -16.99
C ASN A 101 17.39 -14.55 -16.64
N VAL A 102 16.41 -15.44 -16.66
CA VAL A 102 15.03 -15.07 -16.51
C VAL A 102 14.73 -14.73 -15.06
N THR A 103 14.06 -13.58 -14.90
CA THR A 103 13.58 -13.07 -13.61
C THR A 103 12.06 -12.82 -13.70
N LEU A 104 11.32 -13.42 -12.77
CA LEU A 104 9.89 -13.24 -12.73
C LEU A 104 9.53 -12.06 -11.82
N LEU A 105 8.75 -11.12 -12.35
CA LEU A 105 8.28 -9.99 -11.60
C LEU A 105 7.04 -10.40 -10.80
N ASP A 106 7.04 -10.05 -9.52
CA ASP A 106 5.93 -10.44 -8.65
C ASP A 106 4.61 -9.89 -9.13
N ILE A 107 3.58 -10.74 -9.10
CA ILE A 107 2.23 -10.25 -9.29
C ILE A 107 1.32 -10.58 -8.13
N ASN A 108 0.47 -9.61 -7.74
CA ASN A 108 -0.26 -9.70 -6.48
C ASN A 108 -1.37 -10.72 -6.60
N ASP A 109 -1.02 -11.96 -6.31
CA ASP A 109 -1.89 -13.10 -6.53
C ASP A 109 -1.95 -14.02 -5.32
N ASN A 110 -1.64 -13.49 -4.15
CA ASN A 110 -1.91 -14.19 -2.89
C ASN A 110 -2.63 -13.23 -1.98
N HIS A 111 -3.68 -13.73 -1.34
CA HIS A 111 -4.30 -12.99 -0.26
C HIS A 111 -3.45 -13.03 1.04
N PRO A 112 -3.61 -12.01 1.89
CA PRO A 112 -3.06 -12.13 3.21
C PRO A 112 -3.78 -13.26 3.92
N THR A 113 -3.09 -13.93 4.82
CA THR A 113 -3.69 -14.96 5.66
C THR A 113 -3.44 -14.63 7.12
N TRP A 114 -4.52 -14.54 7.89
CA TRP A 114 -4.42 -14.34 9.31
C TRP A 114 -3.61 -15.46 9.95
N LYS A 115 -2.75 -15.09 10.90
CA LYS A 115 -1.84 -16.06 11.52
C LYS A 115 -2.38 -16.82 12.73
N ASP A 116 -2.62 -16.17 13.86
CA ASP A 116 -3.07 -16.93 15.04
C ASP A 116 -4.50 -16.66 15.46
N ALA A 117 -5.33 -16.27 14.50
CA ALA A 117 -6.70 -15.83 14.77
C ALA A 117 -7.62 -17.03 15.09
N PRO A 118 -8.68 -16.81 15.85
CA PRO A 118 -8.95 -15.55 16.53
C PRO A 118 -8.06 -15.39 17.72
N TYR A 119 -8.20 -14.23 18.40
CA TYR A 119 -7.34 -13.84 19.53
C TYR A 119 -8.16 -13.67 20.81
N TYR A 120 -7.87 -14.46 21.84
CA TYR A 120 -8.62 -14.38 23.07
C TYR A 120 -7.78 -13.72 24.17
N ILE A 121 -8.26 -12.63 24.75
CA ILE A 121 -7.49 -11.86 25.66
C ILE A 121 -8.35 -11.42 26.85
N ASN A 122 -7.60 -11.18 27.94
CA ASN A 122 -8.15 -10.71 29.23
C ASN A 122 -7.57 -9.31 29.57
N LEU A 123 -8.47 -8.36 29.76
CA LEU A 123 -8.11 -6.98 29.93
C LEU A 123 -8.83 -6.39 31.16
N VAL A 124 -8.06 -5.66 31.94
CA VAL A 124 -8.60 -4.96 33.11
C VAL A 124 -9.31 -3.69 32.66
N GLU A 125 -10.57 -3.55 33.07
CA GLU A 125 -11.34 -2.34 32.79
C GLU A 125 -10.68 -1.09 33.41
N MET A 126 -10.96 0.08 32.81
CA MET A 126 -10.26 1.36 33.16
C MET A 126 -8.73 1.24 33.06
N THR A 127 -8.25 0.34 32.22
CA THR A 127 -6.83 0.33 31.87
C THR A 127 -6.54 1.62 31.07
N PRO A 128 -5.44 2.31 31.42
CA PRO A 128 -5.26 3.69 30.99
C PRO A 128 -4.84 3.86 29.52
N PRO A 129 -4.90 5.10 28.99
CA PRO A 129 -4.42 5.42 27.67
C PRO A 129 -3.17 4.66 27.29
N ASP A 130 -3.16 4.12 26.08
CA ASP A 130 -1.95 3.58 25.45
C ASP A 130 -1.43 2.30 26.08
N SER A 131 -2.31 1.49 26.66
CA SER A 131 -1.90 0.20 27.22
C SER A 131 -1.95 -0.87 26.12
N ASP A 132 -0.94 -1.77 26.10
CA ASP A 132 -0.93 -2.88 25.14
C ASP A 132 -2.13 -3.77 25.28
N VAL A 133 -2.62 -4.28 24.15
CA VAL A 133 -3.77 -5.18 24.15
C VAL A 133 -3.43 -6.50 23.42
N THR A 134 -2.88 -6.43 22.22
CA THR A 134 -2.47 -7.61 21.54
C THR A 134 -1.67 -7.10 20.39
N THR A 135 -1.19 -7.99 19.57
CA THR A 135 -0.75 -7.61 18.17
C THR A 135 -1.36 -8.60 17.18
N VAL A 136 -2.23 -8.15 16.28
CA VAL A 136 -2.67 -8.96 15.19
C VAL A 136 -1.56 -9.13 14.14
N VAL A 137 -1.54 -10.31 13.60
CA VAL A 137 -0.52 -10.70 12.59
C VAL A 137 -1.19 -11.43 11.44
N ALA A 138 -0.95 -10.94 10.22
CA ALA A 138 -1.21 -11.73 9.00
C ALA A 138 0.07 -11.82 8.13
N VAL A 139 0.03 -12.64 7.11
CA VAL A 139 1.19 -12.85 6.27
C VAL A 139 0.80 -12.94 4.82
N ASP A 140 1.61 -12.29 4.00
CA ASP A 140 1.47 -12.30 2.53
C ASP A 140 2.80 -12.66 1.89
N PRO A 141 2.83 -13.73 1.07
CA PRO A 141 4.03 -14.26 0.48
C PRO A 141 4.47 -13.53 -0.77
N ASP A 142 3.66 -12.59 -1.25
CA ASP A 142 4.05 -11.73 -2.34
C ASP A 142 5.04 -10.70 -1.85
N LEU A 143 5.44 -9.82 -2.75
CA LEU A 143 6.68 -9.09 -2.64
C LEU A 143 6.39 -7.59 -2.77
N GLY A 144 7.11 -6.79 -1.99
CA GLY A 144 6.96 -5.33 -2.06
C GLY A 144 5.57 -4.89 -1.68
N GLU A 145 4.98 -4.00 -2.45
CA GLU A 145 3.65 -3.48 -2.14
C GLU A 145 2.60 -4.58 -2.04
N ASN A 146 2.81 -5.64 -2.81
CA ASN A 146 1.84 -6.75 -2.91
C ASN A 146 1.86 -7.61 -1.66
N GLY A 147 2.96 -7.55 -0.91
CA GLY A 147 3.09 -8.32 0.31
C GLY A 147 2.98 -7.50 1.57
N THR A 148 2.68 -6.21 1.42
CA THR A 148 2.69 -5.28 2.54
C THR A 148 1.31 -5.22 3.16
N LEU A 149 1.25 -5.39 4.49
CA LEU A 149 0.00 -5.59 5.20
C LEU A 149 -0.43 -4.36 5.97
N VAL A 150 -1.70 -4.03 5.78
CA VAL A 150 -2.34 -2.84 6.35
C VAL A 150 -3.64 -3.27 7.02
N TYR A 151 -3.81 -2.85 8.30
CA TYR A 151 -4.77 -3.40 9.21
C TYR A 151 -5.70 -2.28 9.75
N SER A 152 -6.97 -2.59 9.78
CA SER A 152 -8.02 -1.65 10.00
C SER A 152 -9.08 -2.27 10.89
N ILE A 153 -9.58 -1.47 11.85
CA ILE A 153 -10.71 -1.87 12.70
C ILE A 153 -12.03 -1.40 12.13
N HIS A 154 -12.94 -2.35 11.94
CA HIS A 154 -14.30 -2.10 11.49
C HIS A 154 -15.28 -2.84 12.43
N PRO A 155 -16.36 -2.20 12.85
CA PRO A 155 -16.68 -0.82 12.57
C PRO A 155 -15.83 0.07 13.44
N PRO A 156 -15.85 1.39 13.18
CA PRO A 156 -14.97 2.30 13.91
C PRO A 156 -15.06 2.11 15.43
N ASN A 157 -13.94 1.78 16.07
CA ASN A 157 -13.98 1.34 17.44
C ASN A 157 -13.28 2.36 18.26
N LYS A 158 -14.07 2.96 19.14
CA LYS A 158 -13.63 4.16 19.84
C LYS A 158 -12.68 3.85 21.00
N PHE A 159 -12.67 2.59 21.45
CA PHE A 159 -11.97 2.18 22.69
C PHE A 159 -10.54 1.71 22.42
N TYR A 160 -10.29 1.35 21.16
CA TYR A 160 -9.08 0.73 20.73
C TYR A 160 -8.56 1.43 19.46
N SER A 161 -7.24 1.57 19.45
CA SER A 161 -6.50 2.08 18.31
C SER A 161 -5.35 1.12 17.97
N LEU A 162 -5.24 0.92 16.65
CA LEU A 162 -4.46 -0.12 16.01
C LEU A 162 -3.50 0.51 14.98
N ASN A 163 -2.24 0.15 15.09
CA ASN A 163 -1.19 0.71 14.28
C ASN A 163 -1.29 0.03 12.93
N SER A 164 -1.79 0.74 11.93
CA SER A 164 -2.28 0.11 10.69
C SER A 164 -1.23 -0.70 9.94
N THR A 165 0.06 -0.41 10.16
CA THR A 165 1.13 -1.13 9.50
C THR A 165 1.77 -2.20 10.37
N THR A 166 1.63 -2.13 11.69
CA THR A 166 2.33 -3.10 12.60
C THR A 166 1.43 -4.11 13.27
N GLY A 167 0.12 -3.86 13.25
CA GLY A 167 -0.82 -4.75 13.89
C GLY A 167 -1.01 -4.57 15.38
N LYS A 168 -0.20 -3.72 16.02
CA LYS A 168 -0.26 -3.60 17.48
C LYS A 168 -1.48 -2.80 17.90
N ILE A 169 -2.21 -3.30 18.90
CA ILE A 169 -3.42 -2.64 19.37
C ILE A 169 -3.21 -2.09 20.78
N ARG A 170 -3.66 -0.86 20.99
CA ARG A 170 -3.61 -0.22 22.30
C ARG A 170 -4.97 0.37 22.67
N THR A 171 -5.16 0.63 23.96
CA THR A 171 -6.34 1.35 24.45
C THR A 171 -6.26 2.83 24.08
N THR A 172 -7.38 3.53 24.21
CA THR A 172 -7.47 4.94 23.83
C THR A 172 -7.63 5.83 25.07
N HIS A 173 -7.79 7.13 24.85
CA HIS A 173 -8.12 8.06 25.92
C HIS A 173 -9.55 7.92 26.41
N VAL A 174 -10.37 7.20 25.64
CA VAL A 174 -11.66 6.68 26.15
C VAL A 174 -11.50 5.36 26.95
N MET A 175 -12.01 5.34 28.18
CA MET A 175 -11.81 4.22 29.11
C MET A 175 -12.78 3.13 28.82
N LEU A 176 -12.44 1.93 29.30
CA LEU A 176 -13.30 0.79 29.17
C LEU A 176 -14.05 0.62 30.46
N ASP A 177 -15.36 0.83 30.41
CA ASP A 177 -16.19 0.74 31.58
C ASP A 177 -17.24 -0.32 31.31
N ARG A 178 -17.18 -1.40 32.09
CA ARG A 178 -18.13 -2.50 31.91
C ARG A 178 -19.55 -2.05 32.26
N GLU A 179 -19.67 -1.08 33.18
CA GLU A 179 -20.98 -0.64 33.64
C GLU A 179 -21.62 0.42 32.70
N ASN A 180 -21.41 0.28 31.39
CA ASN A 180 -21.93 1.23 30.39
C ASN A 180 -23.15 0.62 29.74
N PRO A 181 -24.27 1.36 29.71
CA PRO A 181 -25.56 0.76 29.39
C PRO A 181 -25.87 0.66 27.90
N ASP A 182 -25.09 1.31 27.05
CA ASP A 182 -25.30 1.18 25.61
C ASP A 182 -24.84 -0.19 25.17
N PRO A 183 -25.74 -1.00 24.58
CA PRO A 183 -25.32 -2.34 24.21
C PRO A 183 -24.22 -2.29 23.15
N VAL A 184 -24.35 -1.36 22.20
CA VAL A 184 -23.41 -1.33 21.09
C VAL A 184 -22.01 -0.95 21.62
N GLU A 185 -21.92 -0.02 22.53
CA GLU A 185 -20.63 0.32 23.09
C GLU A 185 -20.03 -0.83 23.89
N ALA A 186 -20.86 -1.59 24.60
CA ALA A 186 -20.41 -2.79 25.28
C ALA A 186 -19.81 -3.81 24.30
N GLU A 187 -20.51 -3.98 23.19
CA GLU A 187 -20.08 -4.87 22.11
C GLU A 187 -18.70 -4.44 21.58
N LEU A 188 -18.56 -3.13 21.37
CA LEU A 188 -17.33 -2.53 20.90
C LEU A 188 -16.17 -2.83 21.87
N MET A 189 -16.47 -2.66 23.16
CA MET A 189 -15.51 -2.89 24.22
C MET A 189 -15.05 -4.35 24.17
N ARG A 190 -16.01 -5.27 24.02
CA ARG A 190 -15.71 -6.67 24.22
C ARG A 190 -15.29 -7.49 22.96
N LYS A 191 -15.46 -6.88 21.82
CA LYS A 191 -15.06 -7.49 20.56
C LYS A 191 -14.45 -6.47 19.66
N ILE A 192 -13.23 -6.78 19.14
CA ILE A 192 -12.59 -5.94 18.13
C ILE A 192 -12.47 -6.69 16.83
N ILE A 193 -13.02 -6.13 15.75
CA ILE A 193 -12.86 -6.77 14.43
C ILE A 193 -11.81 -6.04 13.57
N VAL A 194 -10.72 -6.75 13.24
CA VAL A 194 -9.74 -6.27 12.32
C VAL A 194 -9.93 -6.96 10.97
N SER A 195 -9.88 -6.12 9.92
CA SER A 195 -9.61 -6.54 8.54
C SER A 195 -8.25 -6.00 8.00
N VAL A 196 -7.68 -6.84 7.16
CA VAL A 196 -6.34 -6.65 6.63
C VAL A 196 -6.34 -6.76 5.10
N THR A 197 -5.75 -5.73 4.49
CA THR A 197 -5.40 -5.75 3.07
C THR A 197 -3.89 -5.73 2.76
N ASP A 198 -3.61 -5.85 1.45
CA ASP A 198 -2.29 -5.57 0.90
C ASP A 198 -2.38 -4.53 -0.22
N CYS A 199 -1.26 -4.00 -0.67
CA CYS A 199 -1.27 -2.69 -1.36
C CYS A 199 -0.90 -2.69 -2.86
N GLY A 200 -0.95 -3.88 -3.44
CA GLY A 200 -0.89 -4.02 -4.89
C GLY A 200 -2.20 -3.66 -5.53
N ARG A 201 -2.19 -3.48 -6.85
CA ARG A 201 -3.42 -3.37 -7.62
C ARG A 201 -3.58 -4.64 -8.46
N PRO A 202 -4.73 -5.30 -8.37
CA PRO A 202 -5.78 -5.00 -7.37
C PRO A 202 -5.36 -5.39 -5.93
N PRO A 203 -5.81 -4.62 -4.92
CA PRO A 203 -5.56 -5.00 -3.53
C PRO A 203 -6.35 -6.22 -3.17
N LEU A 204 -5.81 -7.05 -2.27
CA LEU A 204 -6.47 -8.27 -1.88
C LEU A 204 -6.58 -8.30 -0.37
N LYS A 205 -7.77 -8.66 0.11
CA LYS A 205 -8.02 -8.73 1.53
C LYS A 205 -8.08 -10.18 1.95
N ALA A 206 -7.78 -10.46 3.20
CA ALA A 206 -7.93 -11.81 3.75
C ALA A 206 -9.39 -12.23 3.73
N THR A 207 -9.64 -13.48 3.37
CA THR A 207 -11.01 -14.02 3.27
C THR A 207 -11.99 -13.33 4.19
N SER A 208 -11.67 -13.36 5.49
CA SER A 208 -12.53 -12.90 6.50
C SER A 208 -11.68 -11.97 7.38
N SER A 209 -12.34 -11.00 7.97
CA SER A 209 -11.79 -10.28 9.13
C SER A 209 -11.41 -11.24 10.25
N ALA A 210 -10.77 -10.68 11.26
CA ALA A 210 -10.30 -11.42 12.42
C ALA A 210 -10.76 -10.73 13.71
N THR A 211 -11.38 -11.52 14.58
CA THR A 211 -11.93 -11.04 15.83
C THR A 211 -10.91 -11.15 16.94
N VAL A 212 -10.70 -10.07 17.67
CA VAL A 212 -10.13 -10.16 19.05
C VAL A 212 -11.27 -10.22 20.05
N PHE A 213 -11.34 -11.29 20.84
CA PHE A 213 -12.34 -11.39 21.89
C PHE A 213 -11.72 -10.96 23.20
N VAL A 214 -12.44 -10.06 23.91
CA VAL A 214 -11.88 -9.35 25.06
C VAL A 214 -12.79 -9.60 26.30
N ASN A 215 -12.16 -10.05 27.39
CA ASN A 215 -12.85 -10.57 28.52
C ASN A 215 -12.51 -9.55 29.61
N LEU A 216 -13.43 -8.60 29.82
CA LEU A 216 -13.20 -7.47 30.68
C LEU A 216 -13.33 -7.84 32.15
N LEU A 217 -12.36 -7.35 32.92
CA LEU A 217 -12.15 -7.70 34.32
C LEU A 217 -12.09 -6.44 35.18
N ASP A 218 -12.93 -6.41 36.22
CA ASP A 218 -12.85 -5.38 37.25
C ASP A 218 -11.57 -5.43 38.12
N LEU A 219 -11.47 -4.48 39.04
CA LEU A 219 -10.35 -4.40 39.95
C LEU A 219 -10.90 -4.67 41.42
N ASN A 220 -11.34 -5.92 41.63
CA ASN A 220 -12.63 -6.23 42.32
C ASN A 220 -13.05 -5.36 43.51
N PRO B 4 -40.41 32.17 19.62
CA PRO B 4 -39.03 32.40 19.18
C PRO B 4 -38.32 31.12 18.64
N PRO B 5 -38.64 30.73 17.36
CA PRO B 5 -38.70 29.32 16.89
C PRO B 5 -37.36 28.62 16.83
N THR B 6 -37.25 27.45 17.44
CA THR B 6 -35.94 26.78 17.57
C THR B 6 -35.93 25.33 17.13
N PHE B 7 -34.70 24.86 16.87
CA PHE B 7 -34.44 23.66 16.10
C PHE B 7 -34.56 22.44 16.93
N SER B 8 -34.66 21.29 16.26
CA SER B 8 -34.67 20.00 16.94
C SER B 8 -33.42 19.83 17.82
N LYS B 9 -32.28 20.26 17.30
CA LYS B 9 -31.04 20.29 18.05
C LYS B 9 -30.35 21.65 17.92
N PRO B 10 -29.59 22.06 18.95
CA PRO B 10 -28.86 23.32 18.88
C PRO B 10 -27.66 23.23 17.97
N ALA B 11 -27.02 22.05 17.96
CA ALA B 11 -25.84 21.79 17.19
C ALA B 11 -26.01 20.48 16.40
N TYR B 12 -25.55 20.58 15.15
CA TYR B 12 -25.66 19.55 14.12
C TYR B 12 -24.27 19.23 13.57
N PHE B 13 -24.00 17.91 13.53
CA PHE B 13 -22.72 17.37 13.09
C PHE B 13 -22.92 16.38 11.91
N VAL B 14 -22.25 16.66 10.81
CA VAL B 14 -22.54 16.05 9.56
C VAL B 14 -21.24 15.82 8.80
N SER B 15 -21.28 14.70 8.07
CA SER B 15 -20.14 14.20 7.28
C SER B 15 -20.53 13.96 5.84
N VAL B 16 -19.79 14.61 4.93
CA VAL B 16 -19.89 14.36 3.49
C VAL B 16 -18.52 13.98 2.91
N LEU B 17 -18.46 13.64 1.64
CA LEU B 17 -17.18 13.15 1.11
C LEU B 17 -16.62 14.19 0.19
N GLU B 18 -15.32 14.50 0.34
CA GLU B 18 -14.57 15.36 -0.60
C GLU B 18 -15.20 15.61 -1.99
N ASN B 19 -15.66 14.53 -2.60
CA ASN B 19 -16.09 14.53 -4.02
C ASN B 19 -17.59 14.72 -4.20
N ILE B 20 -18.32 14.98 -3.12
CA ILE B 20 -19.75 15.29 -3.22
C ILE B 20 -19.94 16.31 -4.32
N MET B 21 -20.94 16.09 -5.17
CA MET B 21 -21.09 16.92 -6.37
C MET B 21 -21.47 18.33 -6.04
N ALA B 22 -21.35 19.20 -7.05
CA ALA B 22 -21.96 20.51 -6.99
C ALA B 22 -23.47 20.29 -6.89
N GLY B 23 -24.10 21.01 -5.98
CA GLY B 23 -25.55 21.01 -5.88
C GLY B 23 -26.13 19.99 -4.91
N ALA B 24 -25.33 19.01 -4.51
CA ALA B 24 -25.87 17.87 -3.78
C ALA B 24 -26.35 18.25 -2.38
N THR B 25 -27.30 17.50 -1.86
CA THR B 25 -27.81 17.73 -0.51
C THR B 25 -26.74 17.41 0.54
N VAL B 26 -26.54 18.32 1.48
CA VAL B 26 -25.75 18.05 2.68
C VAL B 26 -26.69 17.65 3.86
N LEU B 27 -27.73 18.41 4.10
CA LEU B 27 -28.49 18.25 5.29
C LEU B 27 -29.83 18.88 5.11
N PHE B 28 -30.74 18.35 5.92
CA PHE B 28 -32.16 18.84 6.00
C PHE B 28 -32.48 19.25 7.44
N LEU B 29 -32.93 20.49 7.58
CA LEU B 29 -33.14 21.14 8.85
C LEU B 29 -34.58 21.71 8.92
N ASN B 30 -35.28 21.43 10.00
CA ASN B 30 -36.49 22.17 10.30
C ASN B 30 -36.58 22.52 11.78
N ALA B 31 -37.03 23.74 11.97
CA ALA B 31 -37.32 24.34 13.31
C ALA B 31 -38.81 24.71 13.51
N THR B 32 -39.25 24.69 14.76
CA THR B 32 -40.61 25.04 15.07
C THR B 32 -40.67 25.92 16.31
N SER B 44 -44.82 28.57 7.13
CA SER B 44 -44.33 29.90 6.74
C SER B 44 -43.18 30.37 7.63
N ILE B 45 -42.09 29.63 7.51
CA ILE B 45 -40.86 29.77 8.29
C ILE B 45 -39.67 29.82 7.32
N ILE B 46 -38.77 30.77 7.59
CA ILE B 46 -37.81 31.28 6.60
C ILE B 46 -36.38 31.12 7.11
N TYR B 47 -35.56 30.50 6.27
CA TYR B 47 -34.25 29.93 6.66
C TYR B 47 -33.07 30.65 5.93
N SER B 48 -32.00 30.83 6.65
CA SER B 48 -30.87 31.55 6.12
C SER B 48 -29.61 31.00 6.76
N LEU B 49 -28.58 30.96 5.91
CA LEU B 49 -27.30 30.30 6.20
C LEU B 49 -26.13 31.28 6.00
N GLU B 50 -25.31 31.34 7.06
CA GLU B 50 -24.14 32.20 7.17
C GLU B 50 -22.91 31.33 7.52
N GLY B 51 -21.85 31.51 6.76
CA GLY B 51 -20.75 30.55 6.72
C GLY B 51 -20.20 30.61 5.35
N SER B 52 -19.60 29.51 4.89
CA SER B 52 -18.94 29.52 3.61
C SER B 52 -19.94 29.66 2.47
N SER B 53 -19.52 30.37 1.42
CA SER B 53 -20.28 30.46 0.19
C SER B 53 -20.22 29.17 -0.64
N GLN B 54 -19.49 28.18 -0.14
CA GLN B 54 -19.50 26.82 -0.68
C GLN B 54 -20.83 26.08 -0.41
N PHE B 55 -21.65 26.64 0.49
CA PHE B 55 -22.89 26.09 0.89
C PHE B 55 -23.97 27.19 0.86
N ARG B 56 -25.15 26.75 0.48
CA ARG B 56 -26.36 27.56 0.51
C ARG B 56 -27.47 26.73 1.14
N ILE B 57 -28.43 27.44 1.74
CA ILE B 57 -29.65 26.82 2.23
C ILE B 57 -30.90 27.35 1.50
N ASN B 58 -31.70 26.42 1.07
CA ASN B 58 -33.04 26.69 0.50
C ASN B 58 -33.90 27.37 1.57
N ALA B 59 -34.48 28.52 1.22
CA ALA B 59 -35.04 29.44 2.21
C ALA B 59 -36.36 28.97 2.80
N ARG B 60 -37.13 28.23 2.01
CA ARG B 60 -38.42 27.72 2.45
C ARG B 60 -38.29 26.36 3.13
N SER B 61 -37.48 25.47 2.57
CA SER B 61 -37.48 24.04 3.00
C SER B 61 -36.36 23.65 3.97
N GLY B 62 -35.34 24.48 4.11
CA GLY B 62 -34.25 24.20 5.05
C GLY B 62 -33.28 23.13 4.58
N GLU B 63 -33.22 22.94 3.26
CA GLU B 63 -32.27 22.02 2.65
C GLU B 63 -30.95 22.72 2.39
N ILE B 64 -29.90 22.27 3.07
CA ILE B 64 -28.54 22.74 2.80
C ILE B 64 -27.98 21.97 1.61
N THR B 65 -27.38 22.68 0.66
CA THR B 65 -26.72 22.06 -0.49
C THR B 65 -25.35 22.68 -0.72
N THR B 66 -24.46 21.94 -1.39
CA THR B 66 -23.21 22.52 -1.85
C THR B 66 -23.51 23.42 -3.05
N THR B 67 -22.72 24.48 -3.20
CA THR B 67 -22.75 25.32 -4.40
C THR B 67 -21.58 24.99 -5.31
N SER B 68 -20.73 24.08 -4.90
CA SER B 68 -19.45 23.87 -5.55
C SER B 68 -18.79 22.56 -5.11
N LEU B 69 -17.66 22.26 -5.73
CA LEU B 69 -16.89 21.08 -5.39
C LEU B 69 -15.96 21.44 -4.25
N LEU B 70 -15.79 20.49 -3.35
CA LEU B 70 -15.00 20.70 -2.14
C LEU B 70 -13.69 19.93 -2.27
N ASP B 71 -12.81 20.12 -1.31
CA ASP B 71 -11.52 19.46 -1.29
C ASP B 71 -10.98 19.46 0.14
N ARG B 72 -10.78 18.28 0.69
CA ARG B 72 -10.45 18.14 2.08
C ARG B 72 -9.01 18.58 2.31
N GLU B 73 -8.18 18.47 1.27
CA GLU B 73 -6.79 18.86 1.39
C GLU B 73 -6.66 20.38 1.49
N THR B 74 -7.63 21.12 0.95
CA THR B 74 -7.70 22.56 1.14
C THR B 74 -8.47 22.94 2.40
N LYS B 75 -9.66 22.39 2.58
CA LYS B 75 -10.49 22.70 3.76
C LYS B 75 -11.33 21.52 4.17
N SER B 76 -11.03 20.97 5.35
CA SER B 76 -11.60 19.68 5.78
C SER B 76 -12.87 19.83 6.60
N GLU B 77 -12.96 20.92 7.37
CA GLU B 77 -14.11 21.19 8.20
C GLU B 77 -14.60 22.62 8.00
N TYR B 78 -15.93 22.70 7.84
CA TYR B 78 -16.72 23.94 7.85
C TYR B 78 -17.70 24.02 9.04
N ILE B 79 -17.97 25.28 9.43
CA ILE B 79 -19.06 25.60 10.37
C ILE B 79 -20.02 26.63 9.76
N LEU B 80 -21.30 26.27 9.69
CA LEU B 80 -22.32 27.07 9.12
C LEU B 80 -23.24 27.40 10.27
N ILE B 81 -23.91 28.53 10.14
CA ILE B 81 -24.90 29.03 11.11
C ILE B 81 -26.23 29.31 10.37
N VAL B 82 -27.30 28.76 10.97
CA VAL B 82 -28.62 28.65 10.37
C VAL B 82 -29.68 29.27 11.30
N ARG B 83 -30.52 30.08 10.65
CA ARG B 83 -31.40 31.05 11.28
C ARG B 83 -32.83 30.86 10.74
N ALA B 84 -33.75 30.85 11.71
CA ALA B 84 -35.16 30.54 11.49
C ALA B 84 -36.03 31.67 12.09
N VAL B 85 -36.93 32.20 11.26
CA VAL B 85 -37.63 33.42 11.54
C VAL B 85 -39.05 33.19 10.98
N ASP B 86 -40.02 33.80 11.63
CA ASP B 86 -41.44 33.38 11.55
C ASP B 86 -42.40 34.33 10.74
N GLY B 87 -42.65 33.95 9.49
CA GLY B 87 -43.47 34.77 8.59
C GLY B 87 -43.07 34.54 7.15
N THR B 95 -36.09 34.40 17.02
CA THR B 95 -35.27 34.24 15.83
C THR B 95 -34.09 33.25 16.07
N GLY B 96 -34.34 31.97 15.84
CA GLY B 96 -33.51 30.91 16.41
C GLY B 96 -32.28 30.53 15.58
N ILE B 97 -31.28 29.99 16.28
CA ILE B 97 -29.96 29.78 15.73
C ILE B 97 -29.48 28.36 16.06
N ALA B 98 -28.94 27.71 15.04
CA ALA B 98 -28.28 26.43 15.17
C ALA B 98 -27.00 26.45 14.35
N THR B 99 -25.96 25.88 14.93
CA THR B 99 -24.74 25.53 14.15
C THR B 99 -24.87 24.21 13.43
N VAL B 100 -24.24 24.17 12.26
CA VAL B 100 -24.08 22.98 11.42
C VAL B 100 -22.60 22.77 11.11
N ASN B 101 -22.09 21.57 11.43
CA ASN B 101 -20.65 21.33 11.58
C ASN B 101 -20.13 20.28 10.59
N VAL B 102 -19.95 20.73 9.35
CA VAL B 102 -19.64 19.85 8.24
C VAL B 102 -18.19 19.43 8.29
N THR B 103 -17.98 18.12 8.15
CA THR B 103 -16.67 17.48 8.09
C THR B 103 -16.57 16.62 6.82
N LEU B 104 -15.52 16.85 6.05
CA LEU B 104 -15.32 16.13 4.78
C LEU B 104 -14.49 14.87 5.00
N LEU B 105 -15.03 13.74 4.57
CA LEU B 105 -14.35 12.46 4.67
C LEU B 105 -13.40 12.29 3.48
N ASP B 106 -12.18 11.89 3.77
CA ASP B 106 -11.14 11.85 2.73
C ASP B 106 -11.44 10.89 1.59
N ILE B 107 -11.14 11.31 0.37
CA ILE B 107 -11.14 10.40 -0.78
C ILE B 107 -9.78 10.34 -1.46
N ASN B 108 -9.34 9.14 -1.85
CA ASN B 108 -7.95 8.93 -2.30
C ASN B 108 -7.76 9.51 -3.68
N ASP B 109 -7.46 10.79 -3.72
CA ASP B 109 -7.43 11.54 -4.95
C ASP B 109 -6.14 12.38 -5.07
N ASN B 110 -5.09 11.97 -4.36
CA ASN B 110 -3.76 12.53 -4.58
C ASN B 110 -2.79 11.38 -4.73
N HIS B 111 -1.94 11.45 -5.74
CA HIS B 111 -0.79 10.56 -5.80
C HIS B 111 0.31 10.92 -4.76
N PRO B 112 1.10 9.91 -4.35
CA PRO B 112 2.25 10.21 -3.55
C PRO B 112 3.20 11.01 -4.41
N THR B 113 3.98 11.85 -3.78
CA THR B 113 5.05 12.59 -4.47
C THR B 113 6.36 12.46 -3.70
N TRP B 114 7.40 12.09 -4.40
CA TRP B 114 8.73 11.94 -3.86
C TRP B 114 9.22 13.24 -3.23
N LYS B 115 9.79 13.10 -2.05
CA LYS B 115 10.39 14.24 -1.32
C LYS B 115 11.90 14.17 -1.45
N ASP B 116 12.49 15.30 -1.86
CA ASP B 116 13.94 15.45 -1.91
C ASP B 116 14.62 14.57 -2.98
N ALA B 117 13.84 13.92 -3.83
CA ALA B 117 14.38 12.99 -4.83
C ALA B 117 15.00 13.76 -6.00
N PRO B 118 15.97 13.14 -6.71
CA PRO B 118 16.58 11.90 -6.33
C PRO B 118 17.53 12.10 -5.19
N TYR B 119 18.13 11.01 -4.70
CA TYR B 119 18.86 11.00 -3.43
C TYR B 119 20.30 10.54 -3.64
N TYR B 120 21.26 11.34 -3.22
CA TYR B 120 22.66 10.99 -3.40
C TYR B 120 23.30 10.62 -2.05
N ILE B 121 23.88 9.43 -1.98
CA ILE B 121 24.47 8.93 -0.78
C ILE B 121 25.82 8.28 -1.03
N ASN B 122 26.61 8.23 0.08
CA ASN B 122 27.96 7.71 0.11
C ASN B 122 28.07 6.52 1.09
N LEU B 123 28.59 5.41 0.58
CA LEU B 123 28.61 4.16 1.29
C LEU B 123 30.00 3.51 1.15
N VAL B 124 30.46 2.98 2.26
CA VAL B 124 31.72 2.20 2.29
C VAL B 124 31.47 0.80 1.74
N GLU B 125 32.26 0.41 0.74
CA GLU B 125 32.25 -0.97 0.26
C GLU B 125 32.55 -2.02 1.38
N MET B 126 32.02 -3.22 1.18
CA MET B 126 31.99 -4.29 2.19
C MET B 126 31.51 -3.84 3.55
N THR B 127 30.60 -2.87 3.56
CA THR B 127 29.80 -2.60 4.73
C THR B 127 28.91 -3.83 5.02
N PRO B 128 28.88 -4.29 6.29
CA PRO B 128 28.40 -5.62 6.60
C PRO B 128 26.87 -5.76 6.56
N PRO B 129 26.36 -7.01 6.62
CA PRO B 129 24.95 -7.28 6.71
C PRO B 129 24.21 -6.29 7.58
N ASP B 130 23.06 -5.83 7.10
CA ASP B 130 22.09 -5.09 7.92
C ASP B 130 22.52 -3.68 8.32
N SER B 131 23.40 -3.06 7.54
CA SER B 131 23.85 -1.71 7.85
C SER B 131 22.90 -0.67 7.26
N ASP B 132 22.66 0.41 8.00
CA ASP B 132 21.83 1.53 7.51
C ASP B 132 22.42 2.12 6.25
N VAL B 133 21.57 2.54 5.34
CA VAL B 133 22.02 3.17 4.10
C VAL B 133 21.37 4.56 3.95
N THR B 134 20.05 4.65 4.06
CA THR B 134 19.39 5.89 3.84
C THR B 134 17.98 5.59 4.22
N THR B 135 17.12 6.57 4.11
CA THR B 135 15.64 6.35 4.11
C THR B 135 15.03 7.15 2.97
N VAL B 136 14.36 6.52 2.02
CA VAL B 136 13.53 7.28 1.09
C VAL B 136 12.23 7.77 1.76
N VAL B 137 11.82 8.94 1.33
CA VAL B 137 10.58 9.56 1.78
C VAL B 137 9.79 10.10 0.61
N ALA B 138 8.50 9.75 0.59
CA ALA B 138 7.49 10.46 -0.22
C ALA B 138 6.36 10.99 0.70
N VAL B 139 5.47 11.78 0.13
CA VAL B 139 4.38 12.33 0.89
C VAL B 139 3.09 12.27 0.09
N ASP B 140 2.05 11.89 0.85
CA ASP B 140 0.65 11.88 0.38
C ASP B 140 -0.21 12.69 1.34
N PRO B 141 -0.89 13.71 0.81
CA PRO B 141 -1.66 14.65 1.60
C PRO B 141 -3.04 14.12 1.98
N ASP B 142 -3.41 12.97 1.44
CA ASP B 142 -4.62 12.28 1.85
C ASP B 142 -4.38 11.65 3.22
N LEU B 143 -5.42 10.96 3.70
CA LEU B 143 -5.63 10.70 5.10
C LEU B 143 -5.85 9.19 5.29
N GLY B 144 -5.33 8.66 6.40
CA GLY B 144 -5.54 7.25 6.71
C GLY B 144 -4.88 6.37 5.67
N GLU B 145 -5.59 5.33 5.26
CA GLU B 145 -5.05 4.38 4.30
C GLU B 145 -4.63 5.06 3.00
N ASN B 146 -5.32 6.14 2.65
CA ASN B 146 -5.12 6.84 1.37
C ASN B 146 -3.83 7.64 1.38
N GLY B 147 -3.33 7.95 2.58
CA GLY B 147 -2.10 8.69 2.72
C GLY B 147 -0.92 7.84 3.17
N THR B 148 -1.12 6.53 3.27
CA THR B 148 -0.15 5.62 3.85
C THR B 148 0.77 5.11 2.74
N LEU B 149 2.09 5.22 2.96
CA LEU B 149 3.08 5.07 1.90
C LEU B 149 3.84 3.77 2.00
N VAL B 150 3.89 3.07 0.87
CA VAL B 150 4.45 1.72 0.76
C VAL B 150 5.43 1.69 -0.43
N TYR B 151 6.65 1.20 -0.15
CA TYR B 151 7.81 1.44 -0.98
C TYR B 151 8.45 0.09 -1.40
N SER B 152 8.77 0.01 -2.66
CA SER B 152 9.13 -1.23 -3.31
C SER B 152 10.29 -0.99 -4.27
N ILE B 153 11.27 -1.88 -4.19
CA ILE B 153 12.27 -2.03 -5.29
C ILE B 153 11.80 -3.14 -6.23
N HIS B 154 11.64 -2.80 -7.52
CA HIS B 154 11.19 -3.79 -8.48
C HIS B 154 12.06 -3.81 -9.73
N PRO B 155 12.52 -5.01 -10.12
CA PRO B 155 12.49 -6.19 -9.28
C PRO B 155 13.57 -6.09 -8.22
N PRO B 156 13.52 -6.98 -7.21
CA PRO B 156 14.39 -6.86 -6.04
C PRO B 156 15.85 -6.69 -6.41
N ASN B 157 16.47 -5.65 -5.90
CA ASN B 157 17.94 -5.48 -5.93
C ASN B 157 18.61 -6.36 -4.89
N LYS B 158 19.63 -7.10 -5.29
CA LYS B 158 20.22 -8.18 -4.50
C LYS B 158 21.07 -7.67 -3.29
N PHE B 159 21.55 -6.43 -3.40
CA PHE B 159 22.52 -5.85 -2.45
C PHE B 159 21.83 -5.06 -1.33
N TYR B 160 20.58 -4.68 -1.57
CA TYR B 160 19.86 -3.77 -0.72
C TYR B 160 18.45 -4.30 -0.49
N SER B 161 18.02 -4.12 0.76
CA SER B 161 16.67 -4.44 1.21
C SER B 161 16.06 -3.24 1.95
N LEU B 162 14.79 -3.02 1.62
CA LEU B 162 14.03 -1.79 1.90
C LEU B 162 12.73 -2.16 2.64
N ASN B 163 12.52 -1.50 3.77
CA ASN B 163 11.44 -1.80 4.68
C ASN B 163 10.22 -1.12 4.07
N SER B 164 9.33 -1.90 3.50
CA SER B 164 8.31 -1.38 2.56
C SER B 164 7.40 -0.29 3.17
N THR B 165 7.26 -0.29 4.49
CA THR B 165 6.37 0.67 5.15
C THR B 165 7.12 1.88 5.74
N THR B 166 8.44 1.76 5.95
CA THR B 166 9.20 2.86 6.57
C THR B 166 10.14 3.62 5.63
N GLY B 167 10.40 3.06 4.46
CA GLY B 167 11.33 3.68 3.50
C GLY B 167 12.81 3.43 3.77
N LYS B 168 13.12 2.81 4.91
CA LYS B 168 14.49 2.65 5.35
C LYS B 168 15.18 1.54 4.59
N ILE B 169 16.40 1.81 4.14
CA ILE B 169 17.16 0.86 3.32
C ILE B 169 18.37 0.34 4.10
N ARG B 170 18.61 -0.97 4.01
CA ARG B 170 19.78 -1.60 4.61
C ARG B 170 20.52 -2.48 3.59
N THR B 171 21.78 -2.78 3.89
CA THR B 171 22.55 -3.75 3.10
C THR B 171 22.08 -5.16 3.39
N THR B 172 22.50 -6.09 2.53
CA THR B 172 22.14 -7.49 2.63
C THR B 172 23.36 -8.31 3.05
N HIS B 173 23.15 -9.62 3.14
CA HIS B 173 24.24 -10.56 3.42
C HIS B 173 25.14 -10.74 2.22
N VAL B 174 24.70 -10.28 1.05
CA VAL B 174 25.58 -10.08 -0.12
C VAL B 174 26.37 -8.74 -0.05
N MET B 175 27.70 -8.83 -0.14
CA MET B 175 28.59 -7.68 0.07
C MET B 175 28.68 -6.82 -1.15
N LEU B 176 29.09 -5.58 -0.94
CA LEU B 176 29.27 -4.64 -2.01
C LEU B 176 30.76 -4.53 -2.26
N ASP B 177 31.21 -4.82 -3.47
CA ASP B 177 32.55 -4.44 -3.87
C ASP B 177 32.50 -3.44 -5.01
N ARG B 178 32.98 -2.23 -4.77
CA ARG B 178 33.05 -1.19 -5.82
C ARG B 178 33.91 -1.66 -7.01
N GLU B 179 34.96 -2.41 -6.72
CA GLU B 179 35.95 -2.76 -7.71
C GLU B 179 35.54 -3.98 -8.58
N ASN B 180 34.22 -4.23 -8.73
CA ASN B 180 33.73 -5.46 -9.39
C ASN B 180 33.28 -5.10 -10.80
N PRO B 181 33.83 -5.80 -11.82
CA PRO B 181 33.77 -5.33 -13.16
C PRO B 181 32.52 -5.75 -13.94
N ASP B 182 31.70 -6.65 -13.36
CA ASP B 182 30.51 -7.13 -14.06
C ASP B 182 29.49 -6.00 -14.10
N PRO B 183 29.09 -5.56 -15.31
CA PRO B 183 28.50 -4.22 -15.37
C PRO B 183 27.19 -4.18 -14.63
N VAL B 184 26.38 -5.22 -14.81
CA VAL B 184 25.03 -5.33 -14.27
C VAL B 184 25.11 -5.16 -12.74
N GLU B 185 25.98 -5.98 -12.16
CA GLU B 185 26.12 -6.00 -10.71
C GLU B 185 26.61 -4.67 -10.18
N ALA B 186 27.53 -4.04 -10.92
CA ALA B 186 28.04 -2.72 -10.56
C ALA B 186 26.90 -1.70 -10.54
N GLU B 187 26.07 -1.76 -11.56
CA GLU B 187 24.91 -0.88 -11.69
C GLU B 187 23.96 -1.06 -10.50
N LEU B 188 23.72 -2.32 -10.15
CA LEU B 188 22.87 -2.66 -9.03
C LEU B 188 23.41 -2.05 -7.73
N MET B 189 24.72 -2.19 -7.56
CA MET B 189 25.40 -1.69 -6.39
C MET B 189 25.24 -0.17 -6.31
N ARG B 190 25.40 0.50 -7.45
CA ARG B 190 25.51 1.95 -7.44
C ARG B 190 24.21 2.74 -7.64
N LYS B 191 23.17 2.06 -8.01
CA LYS B 191 21.88 2.68 -8.27
C LYS B 191 20.77 1.79 -7.74
N ILE B 192 19.88 2.38 -6.92
CA ILE B 192 18.71 1.67 -6.39
C ILE B 192 17.43 2.36 -6.81
N ILE B 193 16.54 1.64 -7.49
CA ILE B 193 15.31 2.27 -7.98
C ILE B 193 14.06 1.88 -7.17
N VAL B 194 13.45 2.86 -6.50
CA VAL B 194 12.29 2.65 -5.69
C VAL B 194 11.05 3.24 -6.37
N SER B 195 9.98 2.46 -6.34
CA SER B 195 8.60 2.97 -6.56
C SER B 195 7.68 2.88 -5.29
N VAL B 196 6.75 3.81 -5.23
CA VAL B 196 5.93 4.03 -4.07
C VAL B 196 4.44 4.12 -4.44
N THR B 197 3.65 3.36 -3.71
CA THR B 197 2.18 3.48 -3.69
C THR B 197 1.56 3.95 -2.36
N ASP B 198 0.24 4.12 -2.41
CA ASP B 198 -0.59 4.28 -1.21
C ASP B 198 -1.73 3.25 -1.18
N CYS B 199 -2.45 3.14 -0.07
CA CYS B 199 -3.22 1.92 0.20
C CYS B 199 -4.76 2.08 0.24
N GLY B 200 -5.23 3.19 -0.33
CA GLY B 200 -6.64 3.39 -0.58
C GLY B 200 -7.06 2.60 -1.79
N ARG B 201 -8.37 2.51 -2.01
CA ARG B 201 -8.89 2.00 -3.28
C ARG B 201 -9.52 3.17 -4.03
N PRO B 202 -9.12 3.40 -5.29
CA PRO B 202 -7.99 2.69 -5.94
C PRO B 202 -6.64 3.12 -5.35
N PRO B 203 -5.64 2.19 -5.28
CA PRO B 203 -4.30 2.60 -4.88
C PRO B 203 -3.67 3.47 -5.95
N LEU B 204 -2.87 4.44 -5.56
CA LEU B 204 -2.28 5.37 -6.52
C LEU B 204 -0.78 5.38 -6.34
N LYS B 205 -0.06 5.27 -7.44
CA LYS B 205 1.38 5.25 -7.41
C LYS B 205 1.91 6.58 -7.92
N ALA B 206 3.06 6.97 -7.44
CA ALA B 206 3.70 8.21 -7.84
C ALA B 206 4.05 8.18 -9.32
N THR B 207 3.79 9.28 -10.03
CA THR B 207 4.17 9.41 -11.44
C THR B 207 5.38 8.59 -11.82
N SER B 208 6.48 8.82 -11.10
CA SER B 208 7.73 8.25 -11.46
C SER B 208 8.31 7.57 -10.22
N SER B 209 9.01 6.47 -10.45
CA SER B 209 9.95 5.92 -9.45
C SER B 209 11.00 6.97 -9.08
N ALA B 210 11.83 6.61 -8.10
CA ALA B 210 12.88 7.46 -7.58
C ALA B 210 14.18 6.67 -7.48
N THR B 211 15.25 7.27 -7.97
CA THR B 211 16.58 6.67 -7.91
C THR B 211 17.31 7.12 -6.65
N VAL B 212 17.86 6.16 -5.93
CA VAL B 212 18.97 6.46 -4.98
C VAL B 212 20.30 6.23 -5.70
N PHE B 213 21.15 7.27 -5.78
CA PHE B 213 22.46 7.12 -6.33
C PHE B 213 23.46 6.91 -5.22
N VAL B 214 24.31 5.89 -5.41
CA VAL B 214 25.20 5.39 -4.36
C VAL B 214 26.68 5.46 -4.83
N ASN B 215 27.51 6.11 -4.01
CA ASN B 215 28.83 6.51 -4.40
C ASN B 215 29.72 5.67 -3.51
N LEU B 216 30.17 4.53 -4.04
CA LEU B 216 30.87 3.53 -3.27
C LEU B 216 32.34 3.92 -3.08
N LEU B 217 32.76 3.72 -1.83
CA LEU B 217 34.06 4.19 -1.31
C LEU B 217 34.83 3.01 -0.70
N ASP B 218 36.07 2.85 -1.18
CA ASP B 218 36.95 1.77 -0.75
C ASP B 218 37.44 1.97 0.71
N LEU B 219 38.09 0.95 1.27
CA LEU B 219 38.55 1.02 2.65
C LEU B 219 40.09 0.98 2.72
#